data_2LXV
#
_entry.id   2LXV
#
_entity_poly.entity_id   1
_entity_poly.type   'polydeoxyribonucleotide'
_entity_poly.pdbx_seq_one_letter_code
;(DG)(DG)(DG)(DT)(DG)(DG)(DG)(DT)(DT)(DG)(DG)(DG)(DT)(DG)(DG)(DG)
;
_entity_poly.pdbx_strand_id   A,B
#
loop_
_chem_comp.id
_chem_comp.type
_chem_comp.name
_chem_comp.formula
DG DNA linking 2'-DEOXYGUANOSINE-5'-MONOPHOSPHATE 'C10 H14 N5 O7 P'
DT DNA linking THYMIDINE-5'-MONOPHOSPHATE 'C10 H15 N2 O8 P'
#